data_1H3P
#
_entry.id   1H3P
#
_cell.length_a   47.010
_cell.length_b   88.460
_cell.length_c   111.670
_cell.angle_alpha   90.00
_cell.angle_beta   90.00
_cell.angle_gamma   90.00
#
_symmetry.space_group_name_H-M   'P 21 21 21'
#
loop_
_entity.id
_entity.type
_entity.pdbx_description
1 polymer 'ANTIBODY FAB FRAGMENT'
2 polymer 'ANTIBODY FAB FRAGMENT'
3 water water
#
loop_
_entity_poly.entity_id
_entity_poly.type
_entity_poly.pdbx_seq_one_letter_code
_entity_poly.pdbx_strand_id
1 'polypeptide(L)'
;EVQLVESGGGLVKPGGSLKLSCAASGFTFSSYAMSWVRQSPEKRLEWVAEVSSDGSYAYYPDTLTGRFTISRDNAKNTLY
LEMTSLRSEDTAMYYCASFNWDVAYWGQGTLVTVSAAKTTPPSVYPLAPGSLAQTNSMVTLGCLVKGYFPEPVTVTWNSG
SLSSSGVHTFPAVLQSDLYTLSSSVTVPSSPRPSETVTCNVAHPASSTKVDKKIVPRDC
;
H
2 'polypeptide(L)'
;DIVMTQSPSSLAVSVGEKVTMSCRSSQSLLNTRTRKSYLAWFQQKPGQSPKMLIYWASTRESGVPDRFTGSGSGTDFTLT
ISSVQAEDLAVYYCKQSYSLYTFGGGTKLEIKRADAAPTVSIFPPSSEQLTSGGASVVCFLNNFYPKDINVKWKIDGSER
QNGVLNSWTDQDSKDSTYSMSSTLTLTKDEYERHNSYTCEATHKTSTSPIVKSFNRNECEVQLVESGGGLVKPGGSLKLS
;
L
#
# COMPACT_ATOMS: atom_id res chain seq x y z
N GLU A 1 13.45 19.19 -9.07
CA GLU A 1 13.44 18.14 -8.00
C GLU A 1 14.26 16.92 -8.42
N VAL A 2 14.80 16.21 -7.43
CA VAL A 2 15.60 15.02 -7.70
C VAL A 2 14.64 13.88 -8.08
N GLN A 3 15.14 12.93 -8.87
CA GLN A 3 14.33 11.82 -9.33
C GLN A 3 15.11 10.53 -9.45
N LEU A 4 14.54 9.46 -8.90
CA LEU A 4 15.13 8.13 -8.95
C LEU A 4 14.03 7.21 -9.47
N VAL A 5 14.09 6.88 -10.76
CA VAL A 5 13.08 6.02 -11.36
C VAL A 5 13.65 4.64 -11.66
N GLU A 6 13.20 3.63 -10.92
CA GLU A 6 13.68 2.28 -11.13
C GLU A 6 12.74 1.55 -12.09
N SER A 7 13.28 0.56 -12.79
CA SER A 7 12.49 -0.22 -13.74
C SER A 7 13.10 -1.59 -13.98
N GLY A 8 12.42 -2.39 -14.79
CA GLY A 8 12.90 -3.73 -15.10
C GLY A 8 12.27 -4.76 -14.17
N GLY A 9 11.44 -4.29 -13.26
CA GLY A 9 10.79 -5.20 -12.32
C GLY A 9 9.60 -5.92 -12.93
N GLY A 10 8.99 -6.79 -12.15
CA GLY A 10 7.84 -7.54 -12.63
C GLY A 10 7.88 -9.00 -12.21
N LEU A 11 7.07 -9.81 -12.87
CA LEU A 11 6.99 -11.24 -12.57
C LEU A 11 8.17 -12.03 -13.12
N VAL A 12 8.74 -12.88 -12.28
CA VAL A 12 9.88 -13.70 -12.66
C VAL A 12 9.77 -15.08 -12.02
N LYS A 13 10.02 -16.11 -12.81
CA LYS A 13 9.96 -17.48 -12.33
C LYS A 13 11.07 -17.75 -11.34
N PRO A 14 10.78 -18.54 -10.30
CA PRO A 14 11.80 -18.86 -9.29
C PRO A 14 13.09 -19.34 -9.95
N GLY A 15 14.20 -19.24 -9.24
CA GLY A 15 15.47 -19.67 -9.81
C GLY A 15 15.88 -18.82 -11.00
N GLY A 16 14.99 -17.90 -11.41
CA GLY A 16 15.26 -17.03 -12.54
C GLY A 16 16.18 -15.85 -12.23
N SER A 17 16.41 -15.01 -13.25
CA SER A 17 17.29 -13.84 -13.08
C SER A 17 16.59 -12.57 -13.54
N LEU A 18 16.95 -11.46 -12.92
CA LEU A 18 16.35 -10.17 -13.26
C LEU A 18 17.38 -9.08 -13.02
N LYS A 19 17.38 -8.08 -13.90
CA LYS A 19 18.30 -6.94 -13.78
C LYS A 19 17.51 -5.66 -13.59
N LEU A 20 17.52 -5.15 -12.36
CA LEU A 20 16.81 -3.92 -12.05
C LEU A 20 17.67 -2.74 -12.44
N SER A 21 17.02 -1.66 -12.88
CA SER A 21 17.73 -0.46 -13.28
C SER A 21 17.11 0.77 -12.63
N CYS A 22 17.90 1.81 -12.46
CA CYS A 22 17.42 3.04 -11.84
C CYS A 22 17.96 4.28 -12.53
N ALA A 23 17.08 5.17 -12.94
CA ALA A 23 17.48 6.39 -13.62
C ALA A 23 17.56 7.56 -12.64
N ALA A 24 18.77 8.09 -12.46
CA ALA A 24 18.97 9.21 -11.55
C ALA A 24 18.86 10.53 -12.31
N SER A 25 18.27 11.53 -11.67
CA SER A 25 18.11 12.83 -12.30
C SER A 25 17.78 13.89 -11.25
N GLY A 26 18.23 15.12 -11.50
CA GLY A 26 17.97 16.20 -10.56
C GLY A 26 19.14 16.52 -9.66
N PHE A 27 20.19 15.72 -9.75
CA PHE A 27 21.38 15.92 -8.92
C PHE A 27 22.57 15.24 -9.57
N THR A 28 23.76 15.54 -9.07
CA THR A 28 24.97 14.96 -9.63
C THR A 28 25.18 13.54 -9.12
N PHE A 29 24.34 12.65 -9.65
CA PHE A 29 24.34 11.23 -9.31
C PHE A 29 25.71 10.63 -9.07
N SER A 30 26.70 11.02 -9.88
CA SER A 30 28.05 10.48 -9.75
C SER A 30 28.78 10.94 -8.49
N SER A 31 28.20 11.90 -7.79
CA SER A 31 28.81 12.42 -6.58
C SER A 31 28.26 11.80 -5.32
N TYR A 32 27.45 10.74 -5.47
CA TYR A 32 26.83 10.10 -4.33
C TYR A 32 26.83 8.57 -4.34
N ALA A 33 26.90 7.99 -3.15
CA ALA A 33 26.85 6.54 -3.00
C ALA A 33 25.38 6.20 -3.06
N MET A 34 25.00 5.27 -3.93
CA MET A 34 23.60 4.90 -4.09
C MET A 34 23.34 3.50 -3.57
N SER A 35 22.13 3.29 -3.03
CA SER A 35 21.76 1.99 -2.48
C SER A 35 20.46 1.47 -3.06
N TRP A 36 20.22 0.19 -2.82
CA TRP A 36 19.01 -0.48 -3.26
C TRP A 36 18.40 -1.04 -1.96
N VAL A 37 17.18 -0.63 -1.66
CA VAL A 37 16.50 -1.11 -0.47
C VAL A 37 15.25 -1.82 -0.97
N ARG A 38 14.83 -2.85 -0.28
CA ARG A 38 13.63 -3.58 -0.70
C ARG A 38 12.65 -3.76 0.43
N GLN A 39 11.37 -3.80 0.08
CA GLN A 39 10.33 -3.99 1.07
C GLN A 39 9.52 -5.24 0.77
N SER A 40 9.47 -6.14 1.73
CA SER A 40 8.74 -7.39 1.56
C SER A 40 7.25 -7.11 1.57
N PRO A 41 6.44 -8.06 1.08
CA PRO A 41 5.00 -7.81 1.09
C PRO A 41 4.52 -7.62 2.54
N GLU A 42 5.28 -8.20 3.47
CA GLU A 42 4.99 -8.10 4.90
C GLU A 42 5.36 -6.73 5.45
N LYS A 43 5.83 -5.87 4.56
CA LYS A 43 6.21 -4.49 4.88
C LYS A 43 7.51 -4.31 5.65
N ARG A 44 8.40 -5.30 5.54
CA ARG A 44 9.69 -5.21 6.22
C ARG A 44 10.69 -4.55 5.28
N LEU A 45 11.39 -3.55 5.77
CA LEU A 45 12.38 -2.86 4.96
C LEU A 45 13.71 -3.57 5.10
N GLU A 46 14.36 -3.84 3.98
CA GLU A 46 15.65 -4.52 4.00
C GLU A 46 16.66 -3.89 3.04
N TRP A 47 17.79 -3.45 3.59
CA TRP A 47 18.83 -2.85 2.76
C TRP A 47 19.52 -3.98 2.00
N VAL A 48 19.54 -3.91 0.68
CA VAL A 48 20.17 -4.98 -0.11
C VAL A 48 21.57 -4.71 -0.62
N ALA A 49 21.87 -3.48 -1.03
CA ALA A 49 23.21 -3.18 -1.54
C ALA A 49 23.50 -1.70 -1.72
N GLU A 50 24.79 -1.37 -1.65
CA GLU A 50 25.25 0.00 -1.86
C GLU A 50 26.54 0.00 -2.68
N VAL A 51 26.66 0.99 -3.57
CA VAL A 51 27.83 1.13 -4.40
C VAL A 51 28.37 2.54 -4.20
N SER A 52 29.69 2.63 -4.01
CA SER A 52 30.35 3.91 -3.81
C SER A 52 30.11 4.86 -4.98
N SER A 53 30.27 6.16 -4.73
CA SER A 53 30.06 7.19 -5.74
C SER A 53 30.78 6.88 -7.05
N ASP A 54 32.03 6.43 -6.94
CA ASP A 54 32.83 6.11 -8.12
C ASP A 54 32.67 4.66 -8.59
N GLY A 55 31.80 3.91 -7.91
CA GLY A 55 31.55 2.52 -8.27
C GLY A 55 32.67 1.54 -8.01
N SER A 56 33.79 2.02 -7.48
CA SER A 56 34.92 1.15 -7.21
C SER A 56 34.70 0.25 -5.98
N TYR A 57 33.54 0.40 -5.33
CA TYR A 57 33.23 -0.39 -4.14
C TYR A 57 31.76 -0.73 -4.02
N ALA A 58 31.48 -1.96 -3.62
CA ALA A 58 30.11 -2.42 -3.43
C ALA A 58 30.06 -3.11 -2.08
N TYR A 59 28.92 -2.99 -1.40
CA TYR A 59 28.73 -3.59 -0.10
C TYR A 59 27.37 -4.25 -0.06
N TYR A 60 27.33 -5.48 0.44
CA TYR A 60 26.07 -6.22 0.54
C TYR A 60 25.94 -6.87 1.91
N PRO A 61 24.70 -7.12 2.33
CA PRO A 61 24.48 -7.75 3.63
C PRO A 61 24.86 -9.21 3.44
N ASP A 62 25.74 -9.72 4.29
CA ASP A 62 26.20 -11.11 4.23
C ASP A 62 25.23 -12.00 3.43
N THR A 63 23.96 -11.97 3.84
CA THR A 63 22.90 -12.74 3.21
C THR A 63 22.80 -12.56 1.69
N LEU A 64 22.50 -11.34 1.28
CA LEU A 64 22.34 -11.04 -0.14
C LEU A 64 23.63 -11.17 -0.95
N THR A 65 24.76 -11.31 -0.27
CA THR A 65 26.04 -11.45 -0.96
C THR A 65 26.09 -12.69 -1.84
N GLY A 66 26.14 -12.47 -3.15
CA GLY A 66 26.20 -13.58 -4.06
C GLY A 66 25.12 -13.55 -5.13
N ARG A 67 23.86 -13.42 -4.70
CA ARG A 67 22.76 -13.39 -5.63
C ARG A 67 22.47 -11.98 -6.13
N PHE A 68 22.85 -10.99 -5.33
CA PHE A 68 22.62 -9.59 -5.70
C PHE A 68 23.93 -8.91 -6.06
N THR A 69 23.88 -8.10 -7.11
CA THR A 69 25.06 -7.38 -7.56
C THR A 69 24.67 -5.97 -7.94
N ILE A 70 25.19 -5.01 -7.18
CA ILE A 70 24.91 -3.61 -7.44
C ILE A 70 26.00 -3.05 -8.35
N SER A 71 25.59 -2.19 -9.28
CA SER A 71 26.52 -1.59 -10.21
C SER A 71 25.93 -0.25 -10.63
N ARG A 72 26.77 0.64 -11.13
CA ARG A 72 26.30 1.95 -11.56
C ARG A 72 26.99 2.39 -12.85
N ASP A 73 26.41 3.40 -13.49
CA ASP A 73 26.97 3.94 -14.72
C ASP A 73 26.88 5.45 -14.59
N ASN A 74 27.98 6.07 -14.22
CA ASN A 74 28.00 7.51 -14.03
C ASN A 74 27.85 8.33 -15.30
N ALA A 75 28.17 7.71 -16.44
CA ALA A 75 28.03 8.41 -17.71
C ALA A 75 26.55 8.43 -18.06
N LYS A 76 25.89 7.29 -17.81
CA LYS A 76 24.46 7.13 -18.07
C LYS A 76 23.59 7.65 -16.93
N ASN A 77 24.19 7.82 -15.76
CA ASN A 77 23.47 8.30 -14.58
C ASN A 77 22.39 7.32 -14.17
N THR A 78 22.73 6.03 -14.16
CA THR A 78 21.77 5.01 -13.78
C THR A 78 22.39 4.01 -12.82
N LEU A 79 21.55 3.46 -11.94
CA LEU A 79 21.98 2.49 -10.95
C LEU A 79 21.37 1.15 -11.33
N TYR A 80 22.13 0.08 -11.16
CA TYR A 80 21.66 -1.26 -11.51
C TYR A 80 21.73 -2.24 -10.36
N LEU A 81 20.89 -3.28 -10.43
CA LEU A 81 20.86 -4.33 -9.41
C LEU A 81 20.56 -5.67 -10.07
N GLU A 82 21.55 -6.57 -10.06
CA GLU A 82 21.40 -7.89 -10.67
C GLU A 82 21.06 -8.95 -9.63
N MET A 83 19.93 -9.63 -9.84
CA MET A 83 19.48 -10.67 -8.92
C MET A 83 19.46 -12.04 -9.61
N THR A 84 20.09 -13.02 -8.98
CA THR A 84 20.16 -14.38 -9.52
C THR A 84 19.48 -15.37 -8.59
N SER A 85 19.24 -16.57 -9.10
CA SER A 85 18.59 -17.63 -8.33
C SER A 85 17.44 -17.05 -7.55
N LEU A 86 16.71 -16.15 -8.20
CA LEU A 86 15.58 -15.49 -7.58
C LEU A 86 14.63 -16.46 -6.90
N ARG A 87 14.58 -16.38 -5.56
CA ARG A 87 13.72 -17.23 -4.76
C ARG A 87 12.38 -16.51 -4.57
N SER A 88 11.42 -17.19 -3.98
CA SER A 88 10.12 -16.57 -3.74
C SER A 88 10.25 -15.48 -2.70
N GLU A 89 11.04 -15.74 -1.65
CA GLU A 89 11.26 -14.77 -0.58
C GLU A 89 11.89 -13.48 -1.07
N ASP A 90 12.27 -13.45 -2.34
CA ASP A 90 12.88 -12.24 -2.91
C ASP A 90 11.81 -11.37 -3.53
N THR A 91 10.55 -11.73 -3.31
CA THR A 91 9.41 -10.97 -3.80
C THR A 91 9.33 -9.72 -2.95
N ALA A 92 9.40 -8.56 -3.58
CA ALA A 92 9.35 -7.32 -2.83
C ALA A 92 9.42 -6.09 -3.70
N MET A 93 9.12 -4.95 -3.10
CA MET A 93 9.17 -3.67 -3.80
C MET A 93 10.63 -3.22 -3.70
N TYR A 94 11.27 -3.01 -4.84
CA TYR A 94 12.66 -2.59 -4.83
C TYR A 94 12.83 -1.11 -5.09
N TYR A 95 13.39 -0.43 -4.09
CA TYR A 95 13.59 1.01 -4.17
C TYR A 95 15.02 1.42 -4.48
N CYS A 96 15.13 2.56 -5.13
CA CYS A 96 16.40 3.16 -5.48
C CYS A 96 16.50 4.24 -4.43
N ALA A 97 17.50 4.16 -3.56
CA ALA A 97 17.61 5.13 -2.49
C ALA A 97 18.92 5.88 -2.37
N SER A 98 18.80 7.14 -1.95
CA SER A 98 19.96 8.00 -1.71
C SER A 98 19.89 8.27 -0.22
N PHE A 99 20.97 8.00 0.49
CA PHE A 99 20.98 8.20 1.93
C PHE A 99 21.69 9.46 2.40
N ASN A 100 22.30 10.22 1.50
CA ASN A 100 22.98 11.43 1.95
C ASN A 100 21.97 12.51 2.31
N TRP A 101 22.09 13.03 3.53
CA TRP A 101 21.20 14.06 4.04
C TRP A 101 20.84 15.15 3.04
N ASP A 102 21.83 15.60 2.27
CA ASP A 102 21.59 16.65 1.29
C ASP A 102 20.74 16.17 0.12
N VAL A 103 20.77 14.86 -0.15
CA VAL A 103 19.99 14.30 -1.25
C VAL A 103 19.18 13.08 -0.83
N ALA A 104 18.71 13.07 0.41
CA ALA A 104 17.92 11.95 0.92
C ALA A 104 16.64 11.81 0.13
N TYR A 105 16.58 10.79 -0.72
CA TYR A 105 15.40 10.54 -1.54
C TYR A 105 15.34 9.11 -2.04
N TRP A 106 14.13 8.57 -2.12
CA TRP A 106 13.87 7.21 -2.58
C TRP A 106 12.89 7.25 -3.75
N GLY A 107 13.06 6.33 -4.70
CA GLY A 107 12.14 6.28 -5.83
C GLY A 107 10.81 5.71 -5.38
N GLN A 108 9.84 5.64 -6.29
CA GLN A 108 8.54 5.10 -5.93
C GLN A 108 8.63 3.59 -5.83
N GLY A 109 9.72 3.02 -6.35
CA GLY A 109 9.92 1.59 -6.29
C GLY A 109 9.39 0.78 -7.46
N THR A 110 10.00 -0.38 -7.67
CA THR A 110 9.61 -1.30 -8.75
C THR A 110 9.29 -2.66 -8.11
N LEU A 111 8.07 -3.14 -8.32
CA LEU A 111 7.65 -4.41 -7.74
C LEU A 111 8.27 -5.59 -8.48
N VAL A 112 8.69 -6.59 -7.71
CA VAL A 112 9.27 -7.81 -8.25
C VAL A 112 8.52 -8.99 -7.66
N THR A 113 7.79 -9.71 -8.51
CA THR A 113 7.01 -10.86 -8.07
C THR A 113 7.66 -12.15 -8.54
N VAL A 114 8.24 -12.89 -7.61
CA VAL A 114 8.88 -14.16 -7.93
C VAL A 114 7.86 -15.29 -7.76
N SER A 115 7.20 -15.66 -8.87
CA SER A 115 6.21 -16.72 -8.83
C SER A 115 6.16 -17.44 -10.17
N ALA A 116 5.55 -18.63 -10.17
CA ALA A 116 5.43 -19.42 -11.38
C ALA A 116 4.14 -19.06 -12.12
N ALA A 117 3.20 -18.44 -11.41
CA ALA A 117 1.93 -18.04 -11.99
C ALA A 117 2.15 -17.26 -13.29
N LYS A 118 1.08 -17.02 -14.03
CA LYS A 118 1.17 -16.31 -15.30
C LYS A 118 0.46 -14.96 -15.30
N THR A 119 0.98 -14.04 -16.08
CA THR A 119 0.42 -12.69 -16.21
C THR A 119 -0.94 -12.75 -16.90
N THR A 120 -1.96 -12.27 -16.21
CA THR A 120 -3.29 -12.25 -16.76
C THR A 120 -3.85 -10.85 -16.51
N PRO A 121 -4.24 -10.14 -17.59
CA PRO A 121 -4.78 -8.79 -17.44
C PRO A 121 -6.03 -8.79 -16.58
N PRO A 122 -6.36 -7.65 -15.97
CA PRO A 122 -7.55 -7.61 -15.13
C PRO A 122 -8.82 -7.48 -15.95
N SER A 123 -9.94 -7.74 -15.29
CA SER A 123 -11.25 -7.61 -15.92
C SER A 123 -11.88 -6.47 -15.15
N VAL A 124 -12.25 -5.39 -15.84
CA VAL A 124 -12.85 -4.24 -15.18
C VAL A 124 -14.37 -4.17 -15.32
N TYR A 125 -15.05 -4.28 -14.19
CA TYR A 125 -16.52 -4.24 -14.16
C TYR A 125 -17.00 -3.02 -13.38
N PRO A 126 -18.01 -2.32 -13.91
CA PRO A 126 -18.54 -1.14 -13.21
C PRO A 126 -19.54 -1.52 -12.12
N LEU A 127 -19.53 -0.78 -11.03
CA LEU A 127 -20.45 -1.04 -9.93
C LEU A 127 -21.45 0.12 -9.88
N ALA A 128 -22.54 -0.03 -10.63
CA ALA A 128 -23.58 0.98 -10.71
C ALA A 128 -24.62 0.79 -9.61
N PRO A 129 -25.39 1.84 -9.30
CA PRO A 129 -26.45 1.90 -8.29
C PRO A 129 -27.04 0.57 -7.85
N GLY A 130 -28.22 0.26 -8.37
CA GLY A 130 -28.88 -0.99 -8.01
C GLY A 130 -30.33 -1.02 -8.47
N SER A 131 -31.25 -0.57 -7.61
CA SER A 131 -32.67 -0.55 -7.96
C SER A 131 -33.51 0.41 -7.10
N ASN A 136 -30.99 10.18 -3.56
CA ASN A 136 -30.21 10.24 -2.33
C ASN A 136 -29.37 11.51 -2.28
N SER A 137 -28.51 11.61 -1.27
CA SER A 137 -27.66 12.79 -1.11
C SER A 137 -26.38 12.64 -1.94
N MET A 138 -25.70 11.51 -1.73
CA MET A 138 -24.46 11.24 -2.43
C MET A 138 -24.53 9.89 -3.14
N VAL A 139 -23.78 9.78 -4.23
CA VAL A 139 -23.72 8.54 -5.02
C VAL A 139 -22.35 7.90 -4.86
N THR A 140 -22.35 6.61 -4.54
CA THR A 140 -21.09 5.88 -4.39
C THR A 140 -20.98 4.84 -5.50
N LEU A 141 -20.09 5.10 -6.45
CA LEU A 141 -19.89 4.18 -7.57
C LEU A 141 -18.71 3.26 -7.26
N GLY A 142 -18.60 2.17 -8.02
CA GLY A 142 -17.53 1.24 -7.80
C GLY A 142 -16.91 0.76 -9.11
N CYS A 143 -15.94 -0.14 -8.99
CA CYS A 143 -15.26 -0.69 -10.14
C CYS A 143 -14.49 -1.93 -9.72
N LEU A 144 -15.03 -3.09 -10.07
CA LEU A 144 -14.40 -4.36 -9.74
C LEU A 144 -13.26 -4.69 -10.71
N VAL A 145 -12.03 -4.74 -10.20
CA VAL A 145 -10.86 -5.08 -11.00
C VAL A 145 -10.51 -6.49 -10.56
N LYS A 146 -11.04 -7.48 -11.28
CA LYS A 146 -10.84 -8.88 -10.94
C LYS A 146 -10.00 -9.74 -11.86
N GLY A 147 -9.49 -10.83 -11.29
CA GLY A 147 -8.69 -11.80 -12.02
C GLY A 147 -7.46 -11.30 -12.73
N TYR A 148 -6.52 -10.73 -11.99
CA TYR A 148 -5.28 -10.24 -12.58
C TYR A 148 -4.08 -10.77 -11.81
N PHE A 149 -2.91 -10.71 -12.43
CA PHE A 149 -1.67 -11.16 -11.80
C PHE A 149 -0.47 -10.74 -12.63
N PRO A 150 0.60 -10.25 -11.96
CA PRO A 150 0.63 -10.12 -10.50
C PRO A 150 0.18 -8.72 -10.09
N GLU A 151 0.77 -8.22 -9.01
CA GLU A 151 0.45 -6.87 -8.55
C GLU A 151 1.44 -5.93 -9.25
N PRO A 152 1.13 -4.63 -9.32
CA PRO A 152 -0.06 -3.95 -8.80
C PRO A 152 -1.08 -3.59 -9.88
N VAL A 153 -2.04 -2.78 -9.45
CA VAL A 153 -3.11 -2.28 -10.30
C VAL A 153 -3.46 -0.91 -9.73
N THR A 154 -3.28 0.13 -10.53
CA THR A 154 -3.58 1.48 -10.10
C THR A 154 -4.97 1.88 -10.61
N VAL A 155 -5.81 2.40 -9.72
CA VAL A 155 -7.15 2.82 -10.08
C VAL A 155 -7.37 4.30 -9.79
N THR A 156 -7.82 5.04 -10.80
CA THR A 156 -8.10 6.46 -10.63
C THR A 156 -9.48 6.73 -11.19
N TRP A 157 -10.13 7.79 -10.70
CA TRP A 157 -11.46 8.12 -11.18
C TRP A 157 -11.48 9.43 -11.95
N ASN A 158 -12.05 9.38 -13.15
CA ASN A 158 -12.15 10.53 -14.03
C ASN A 158 -10.79 11.21 -14.21
N SER A 159 -9.82 10.42 -14.66
CA SER A 159 -8.46 10.91 -14.87
C SER A 159 -7.89 11.48 -13.58
N GLY A 160 -8.30 10.91 -12.45
CA GLY A 160 -7.81 11.35 -11.17
C GLY A 160 -8.44 12.62 -10.65
N SER A 161 -9.16 13.32 -11.51
CA SER A 161 -9.82 14.57 -11.13
C SER A 161 -10.53 14.39 -9.79
N LEU A 162 -11.26 13.28 -9.65
CA LEU A 162 -11.98 12.99 -8.42
C LEU A 162 -11.03 12.31 -7.44
N SER A 163 -10.29 13.11 -6.67
CA SER A 163 -9.34 12.59 -5.70
C SER A 163 -10.02 12.18 -4.39
N SER A 164 -10.92 13.04 -3.90
CA SER A 164 -11.63 12.78 -2.66
C SER A 165 -12.84 11.86 -2.84
N GLY A 166 -13.22 11.18 -1.76
CA GLY A 166 -14.35 10.28 -1.82
C GLY A 166 -13.99 8.96 -2.50
N VAL A 167 -12.70 8.73 -2.66
CA VAL A 167 -12.21 7.52 -3.30
C VAL A 167 -11.58 6.55 -2.31
N HIS A 168 -11.93 5.27 -2.45
CA HIS A 168 -11.41 4.21 -1.60
C HIS A 168 -11.08 2.99 -2.47
N THR A 169 -9.80 2.70 -2.60
CA THR A 169 -9.34 1.56 -3.39
C THR A 169 -8.83 0.50 -2.41
N PHE A 170 -9.67 -0.50 -2.16
CA PHE A 170 -9.34 -1.57 -1.23
C PHE A 170 -8.25 -2.50 -1.74
N PRO A 171 -7.40 -3.00 -0.82
CA PRO A 171 -6.33 -3.91 -1.19
C PRO A 171 -6.90 -5.16 -1.84
N ALA A 172 -6.13 -5.79 -2.72
CA ALA A 172 -6.58 -6.99 -3.42
C ALA A 172 -6.54 -8.24 -2.54
N VAL A 173 -7.17 -9.30 -3.03
CA VAL A 173 -7.20 -10.58 -2.33
C VAL A 173 -6.76 -11.66 -3.30
N LEU A 174 -5.81 -12.50 -2.88
CA LEU A 174 -5.31 -13.56 -3.73
C LEU A 174 -6.15 -14.82 -3.66
N GLN A 175 -6.73 -15.18 -4.80
CA GLN A 175 -7.57 -16.37 -4.91
C GLN A 175 -7.21 -17.14 -6.18
N SER A 176 -6.52 -18.27 -6.01
CA SER A 176 -6.10 -19.10 -7.12
C SER A 176 -5.13 -18.36 -8.04
N ASP A 177 -4.06 -17.87 -7.46
CA ASP A 177 -3.03 -17.14 -8.21
C ASP A 177 -3.62 -15.99 -9.03
N LEU A 178 -4.67 -15.37 -8.49
CA LEU A 178 -5.32 -14.26 -9.16
C LEU A 178 -5.77 -13.23 -8.14
N TYR A 179 -5.40 -11.97 -8.35
CA TYR A 179 -5.79 -10.90 -7.45
C TYR A 179 -7.06 -10.23 -7.94
N THR A 180 -7.81 -9.67 -7.01
CA THR A 180 -9.05 -8.97 -7.32
C THR A 180 -9.24 -7.88 -6.28
N LEU A 181 -9.55 -6.68 -6.74
CA LEU A 181 -9.74 -5.57 -5.82
C LEU A 181 -10.94 -4.74 -6.23
N SER A 182 -11.36 -3.85 -5.35
CA SER A 182 -12.49 -2.98 -5.64
C SER A 182 -12.06 -1.55 -5.40
N SER A 183 -12.89 -0.61 -5.85
CA SER A 183 -12.59 0.79 -5.67
C SER A 183 -13.91 1.56 -5.67
N SER A 184 -14.19 2.23 -4.57
CA SER A 184 -15.41 3.00 -4.47
C SER A 184 -15.08 4.44 -4.84
N VAL A 185 -16.10 5.28 -4.88
CA VAL A 185 -15.94 6.69 -5.21
C VAL A 185 -17.29 7.34 -4.99
N THR A 186 -17.32 8.43 -4.23
CA THR A 186 -18.58 9.11 -3.97
C THR A 186 -18.61 10.51 -4.52
N VAL A 187 -19.77 10.91 -5.01
CA VAL A 187 -19.98 12.25 -5.57
C VAL A 187 -21.40 12.65 -5.20
N PRO A 188 -21.68 13.96 -5.08
CA PRO A 188 -23.05 14.33 -4.73
C PRO A 188 -24.04 13.64 -5.67
N SER A 189 -25.29 13.51 -5.24
CA SER A 189 -26.29 12.86 -6.10
C SER A 189 -26.56 13.71 -7.34
N SER A 190 -26.31 15.02 -7.21
CA SER A 190 -26.51 15.97 -8.29
C SER A 190 -25.63 15.62 -9.49
N PRO A 191 -24.30 15.49 -9.29
CA PRO A 191 -23.38 15.16 -10.38
C PRO A 191 -23.88 14.02 -11.28
N ARG A 192 -23.61 12.78 -10.87
CA ARG A 192 -24.05 11.64 -11.66
C ARG A 192 -25.53 11.36 -11.48
N PRO A 193 -26.19 10.83 -12.54
CA PRO A 193 -25.60 10.51 -13.84
C PRO A 193 -25.51 11.71 -14.78
N SER A 194 -26.02 12.86 -14.33
CA SER A 194 -25.97 14.08 -15.14
C SER A 194 -24.55 14.21 -15.68
N GLU A 195 -23.59 14.22 -14.77
CA GLU A 195 -22.18 14.31 -15.12
C GLU A 195 -21.71 12.86 -15.03
N THR A 196 -20.78 12.47 -15.89
CA THR A 196 -20.29 11.09 -15.90
C THR A 196 -19.11 10.82 -14.98
N VAL A 197 -19.05 9.58 -14.52
CA VAL A 197 -17.98 9.13 -13.64
C VAL A 197 -17.42 7.84 -14.26
N THR A 198 -16.11 7.77 -14.39
CA THR A 198 -15.48 6.59 -14.97
C THR A 198 -14.15 6.28 -14.29
N CYS A 199 -13.92 5.01 -13.99
CA CYS A 199 -12.68 4.60 -13.33
C CYS A 199 -11.63 4.17 -14.36
N ASN A 200 -10.41 4.65 -14.16
CA ASN A 200 -9.30 4.33 -15.07
C ASN A 200 -8.36 3.32 -14.45
N VAL A 201 -8.54 2.05 -14.81
CA VAL A 201 -7.70 0.98 -14.29
C VAL A 201 -6.42 0.82 -15.11
N ALA A 202 -5.36 0.35 -14.48
CA ALA A 202 -4.09 0.13 -15.15
C ALA A 202 -3.40 -1.07 -14.54
N HIS A 203 -2.78 -1.88 -15.40
CA HIS A 203 -2.07 -3.07 -14.96
C HIS A 203 -0.77 -3.13 -15.76
N PRO A 204 0.32 -2.59 -15.19
CA PRO A 204 1.66 -2.52 -15.78
C PRO A 204 2.22 -3.84 -16.34
N ALA A 205 2.18 -4.90 -15.52
CA ALA A 205 2.70 -6.20 -15.94
C ALA A 205 2.08 -6.65 -17.26
N SER A 206 0.86 -6.21 -17.54
CA SER A 206 0.18 -6.58 -18.77
C SER A 206 0.00 -5.38 -19.69
N SER A 207 0.56 -4.24 -19.25
CA SER A 207 0.48 -2.99 -20.02
C SER A 207 -0.97 -2.66 -20.32
N THR A 208 -1.86 -3.19 -19.49
CA THR A 208 -3.29 -2.97 -19.65
C THR A 208 -3.74 -1.61 -19.16
N LYS A 209 -4.35 -0.85 -20.07
CA LYS A 209 -4.89 0.47 -19.74
C LYS A 209 -6.35 0.37 -20.18
N VAL A 210 -7.25 0.48 -19.21
CA VAL A 210 -8.67 0.37 -19.50
C VAL A 210 -9.46 1.40 -18.71
N ASP A 211 -10.54 1.88 -19.31
CA ASP A 211 -11.42 2.86 -18.70
C ASP A 211 -12.85 2.32 -18.71
N LYS A 212 -13.56 2.46 -17.59
CA LYS A 212 -14.93 1.98 -17.52
C LYS A 212 -15.86 3.04 -16.92
N LYS A 213 -16.71 3.60 -17.75
CA LYS A 213 -17.67 4.62 -17.31
C LYS A 213 -18.82 3.93 -16.61
N ILE A 214 -19.29 4.50 -15.51
CA ILE A 214 -20.39 3.90 -14.79
C ILE A 214 -21.71 4.40 -15.34
N VAL A 215 -22.44 3.49 -15.99
CA VAL A 215 -23.73 3.78 -16.59
C VAL A 215 -24.83 3.33 -15.63
N PRO A 216 -25.93 4.09 -15.56
CA PRO A 216 -27.08 3.79 -14.68
C PRO A 216 -27.75 2.45 -14.92
N ARG A 217 -26.94 1.39 -15.04
CA ARG A 217 -27.42 0.03 -15.26
C ARG A 217 -28.35 -0.07 -16.47
N ASP A 218 -29.56 -0.59 -16.23
CA ASP A 218 -30.56 -0.75 -17.29
C ASP A 218 -31.80 0.08 -16.95
N CYS A 219 -32.95 -0.41 -17.41
CA CYS A 219 -34.22 0.28 -17.15
C CYS A 219 -34.14 1.75 -17.55
N ASP B 1 26.78 -8.45 10.43
CA ASP B 1 25.92 -7.24 10.37
C ASP B 1 25.35 -6.90 11.74
N ILE B 2 24.85 -5.67 11.89
CA ILE B 2 24.27 -5.20 13.15
C ILE B 2 22.75 -5.32 13.07
N VAL B 3 22.14 -5.92 14.09
CA VAL B 3 20.69 -6.06 14.08
C VAL B 3 20.01 -4.93 14.86
N MET B 4 18.92 -4.43 14.31
CA MET B 4 18.16 -3.35 14.94
C MET B 4 16.83 -3.95 15.36
N THR B 5 16.24 -3.42 16.42
CA THR B 5 14.97 -3.94 16.90
C THR B 5 14.04 -2.80 17.32
N GLN B 6 12.76 -2.93 16.97
CA GLN B 6 11.76 -1.90 17.30
C GLN B 6 10.48 -2.49 17.86
N SER B 7 10.03 -1.93 18.98
CA SER B 7 8.79 -2.36 19.62
C SER B 7 8.25 -1.16 20.39
N PRO B 8 6.91 -1.10 20.59
CA PRO B 8 5.95 -2.10 20.12
C PRO B 8 5.66 -2.06 18.62
N SER B 9 5.08 -3.13 18.11
CA SER B 9 4.73 -3.25 16.70
C SER B 9 3.71 -2.16 16.36
N SER B 10 2.80 -1.90 17.28
CA SER B 10 1.76 -0.90 17.06
C SER B 10 1.68 0.11 18.18
N LEU B 11 0.97 1.20 17.89
CA LEU B 11 0.77 2.27 18.84
C LEU B 11 -0.47 3.03 18.36
N ALA B 12 -1.40 3.32 19.28
CA ALA B 12 -2.61 4.06 18.92
C ALA B 12 -2.80 5.24 19.86
N VAL B 13 -2.89 6.44 19.29
CA VAL B 13 -3.06 7.65 20.08
C VAL B 13 -4.10 8.54 19.45
N SER B 14 -4.60 9.50 20.23
CA SER B 14 -5.59 10.43 19.73
C SER B 14 -4.88 11.66 19.16
N VAL B 15 -5.48 12.30 18.16
CA VAL B 15 -4.86 13.47 17.56
C VAL B 15 -4.46 14.45 18.67
N GLY B 16 -3.19 14.83 18.67
CA GLY B 16 -2.71 15.77 19.67
C GLY B 16 -1.89 15.16 20.78
N GLU B 17 -1.93 13.84 20.88
CA GLU B 17 -1.18 13.15 21.92
C GLU B 17 0.30 13.10 21.64
N LYS B 18 1.10 13.04 22.71
CA LYS B 18 2.55 12.97 22.58
C LYS B 18 2.91 11.49 22.58
N VAL B 19 3.61 11.05 21.55
CA VAL B 19 3.99 9.65 21.43
C VAL B 19 5.49 9.51 21.25
N THR B 20 6.04 8.43 21.82
CA THR B 20 7.46 8.14 21.70
C THR B 20 7.60 6.70 21.22
N MET B 21 8.59 6.47 20.36
CA MET B 21 8.82 5.13 19.82
C MET B 21 10.27 4.78 20.06
N SER B 22 10.51 3.57 20.55
CA SER B 22 11.85 3.09 20.83
C SER B 22 12.44 2.23 19.72
N CYS B 23 13.76 2.33 19.57
CA CYS B 23 14.48 1.56 18.57
C CYS B 23 15.82 1.25 19.21
N ARG B 24 16.21 -0.02 19.17
CA ARG B 24 17.46 -0.43 19.77
C ARG B 24 18.38 -1.10 18.76
N SER B 25 19.67 -0.92 18.96
CA SER B 25 20.68 -1.50 18.08
C SER B 25 21.48 -2.58 18.79
N SER B 26 21.88 -3.60 18.04
CA SER B 26 22.64 -4.72 18.58
C SER B 26 24.03 -4.34 19.09
N GLN B 27 24.52 -3.19 18.65
CA GLN B 27 25.84 -2.72 19.09
C GLN B 27 25.88 -1.20 18.94
N SER B 28 26.69 -0.54 19.77
CA SER B 28 26.80 0.92 19.74
C SER B 28 26.97 1.52 18.35
N LEU B 29 26.19 2.55 18.06
CA LEU B 29 26.25 3.26 16.77
C LEU B 29 26.93 4.59 17.01
N LEU B 30 27.53 4.72 18.18
CA LEU B 30 28.18 5.95 18.59
C LEU B 30 29.64 6.08 18.15
N ASN B 31 29.99 7.27 17.66
CA ASN B 31 31.35 7.55 17.26
C ASN B 31 31.95 8.20 18.52
N THR B 32 32.80 7.45 19.20
CA THR B 32 33.44 7.91 20.44
C THR B 32 33.97 9.34 20.48
N ARG B 33 34.56 9.80 19.38
CA ARG B 33 35.15 11.13 19.32
C ARG B 33 34.21 12.31 19.13
N THR B 34 33.09 12.09 18.44
CA THR B 34 32.13 13.16 18.19
C THR B 34 30.82 13.03 18.99
N ARG B 35 30.61 11.86 19.59
CA ARG B 35 29.39 11.60 20.37
C ARG B 35 28.21 11.51 19.39
N LYS B 36 28.51 11.35 18.12
CA LYS B 36 27.50 11.24 17.07
C LYS B 36 27.03 9.79 16.88
N SER B 37 25.70 9.58 16.98
CA SER B 37 25.15 8.25 16.80
C SER B 37 24.56 8.12 15.41
N TYR B 38 25.07 7.17 14.63
CA TYR B 38 24.60 6.98 13.29
C TYR B 38 23.29 6.21 13.23
N LEU B 39 22.24 6.88 13.71
CA LEU B 39 20.90 6.32 13.75
C LEU B 39 19.93 7.29 13.10
N ALA B 40 19.13 6.79 12.16
CA ALA B 40 18.16 7.63 11.48
C ALA B 40 16.73 7.11 11.67
N TRP B 41 15.77 7.99 11.42
CA TRP B 41 14.37 7.65 11.55
C TRP B 41 13.63 7.92 10.25
N PHE B 42 13.03 6.87 9.71
CA PHE B 42 12.29 6.96 8.47
C PHE B 42 10.81 6.82 8.72
N GLN B 43 10.02 7.57 7.97
CA GLN B 43 8.58 7.53 8.10
C GLN B 43 8.04 7.09 6.75
N GLN B 44 7.09 6.17 6.76
CA GLN B 44 6.49 5.71 5.52
C GLN B 44 4.98 5.70 5.65
N LYS B 45 4.33 6.58 4.90
CA LYS B 45 2.88 6.67 4.92
C LYS B 45 2.34 5.67 3.92
N PRO B 46 1.13 5.13 4.17
CA PRO B 46 0.54 4.15 3.26
C PRO B 46 0.60 4.55 1.79
N GLY B 47 1.16 3.66 0.97
CA GLY B 47 1.25 3.92 -0.46
C GLY B 47 2.47 4.71 -0.89
N GLN B 48 3.14 5.35 0.06
CA GLN B 48 4.32 6.14 -0.26
C GLN B 48 5.60 5.39 0.13
N SER B 49 6.73 5.86 -0.39
CA SER B 49 8.02 5.24 -0.06
C SER B 49 8.52 5.88 1.23
N PRO B 50 9.35 5.15 1.99
CA PRO B 50 9.87 5.73 3.24
C PRO B 50 10.59 7.06 2.97
N LYS B 51 10.50 7.97 3.93
CA LYS B 51 11.14 9.26 3.81
C LYS B 51 11.89 9.52 5.09
N MET B 52 13.12 9.99 4.96
CA MET B 52 13.95 10.26 6.13
C MET B 52 13.45 11.46 6.90
N LEU B 53 13.17 11.25 8.18
CA LEU B 53 12.68 12.27 9.08
C LEU B 53 13.83 12.85 9.90
N ILE B 54 14.61 11.95 10.49
CA ILE B 54 15.72 12.32 11.33
C ILE B 54 16.97 11.48 11.08
N TYR B 55 18.14 12.08 11.27
CA TYR B 55 19.41 11.38 11.08
C TYR B 55 20.39 11.81 12.16
N TRP B 56 21.38 10.98 12.44
CA TRP B 56 22.35 11.28 13.48
C TRP B 56 21.67 11.30 14.84
N ALA B 57 20.64 10.45 14.97
CA ALA B 57 19.88 10.31 16.20
C ALA B 57 18.93 11.47 16.49
N SER B 58 19.42 12.70 16.40
CA SER B 58 18.58 13.84 16.72
C SER B 58 18.55 15.01 15.73
N THR B 59 19.04 14.82 14.50
CA THR B 59 19.02 15.91 13.55
C THR B 59 17.85 15.81 12.58
N ARG B 60 16.90 16.73 12.75
CA ARG B 60 15.71 16.76 11.92
C ARG B 60 15.99 17.18 10.49
N GLU B 61 15.51 16.38 9.53
CA GLU B 61 15.69 16.68 8.13
C GLU B 61 15.03 18.05 7.90
N SER B 62 15.54 18.81 6.94
CA SER B 62 14.98 20.12 6.65
C SER B 62 13.50 20.01 6.24
N GLY B 63 12.69 20.93 6.71
CA GLY B 63 11.28 20.93 6.38
C GLY B 63 10.41 19.95 7.16
N VAL B 64 11.01 19.22 8.08
CA VAL B 64 10.26 18.26 8.89
C VAL B 64 9.67 18.99 10.09
N PRO B 65 8.34 18.90 10.27
CA PRO B 65 7.69 19.57 11.40
C PRO B 65 8.47 19.34 12.68
N ASP B 66 8.62 20.38 13.50
CA ASP B 66 9.41 20.26 14.72
C ASP B 66 8.77 19.47 15.86
N ARG B 67 7.59 18.92 15.64
CA ARG B 67 6.96 18.12 16.69
C ARG B 67 7.67 16.78 16.67
N PHE B 68 8.47 16.58 15.64
CA PHE B 68 9.25 15.38 15.46
C PHE B 68 10.66 15.64 15.99
N THR B 69 11.10 14.83 16.93
CA THR B 69 12.43 14.96 17.49
C THR B 69 12.90 13.61 17.96
N GLY B 70 14.17 13.31 17.69
CA GLY B 70 14.72 12.04 18.10
C GLY B 70 15.80 12.25 19.15
N SER B 71 15.97 11.27 20.02
CA SER B 71 16.96 11.37 21.07
C SER B 71 17.62 10.01 21.22
N GLY B 72 18.45 9.89 22.24
CA GLY B 72 19.14 8.64 22.50
C GLY B 72 20.52 8.65 21.89
N SER B 73 21.36 7.72 22.33
CA SER B 73 22.70 7.61 21.82
C SER B 73 23.20 6.23 22.18
N GLY B 74 24.17 5.73 21.42
CA GLY B 74 24.72 4.42 21.66
C GLY B 74 23.89 3.32 21.03
N THR B 75 23.11 2.63 21.87
CA THR B 75 22.26 1.54 21.40
C THR B 75 20.79 1.78 21.72
N ASP B 76 20.49 2.92 22.34
CA ASP B 76 19.11 3.25 22.71
C ASP B 76 18.66 4.58 22.14
N PHE B 77 17.66 4.55 21.26
CA PHE B 77 17.17 5.75 20.63
C PHE B 77 15.65 5.88 20.73
N THR B 78 15.15 7.11 20.71
CA THR B 78 13.73 7.37 20.82
C THR B 78 13.27 8.45 19.83
N LEU B 79 12.13 8.21 19.19
CA LEU B 79 11.56 9.18 18.26
C LEU B 79 10.28 9.74 18.91
N THR B 80 10.29 11.03 19.19
CA THR B 80 9.15 11.69 19.83
C THR B 80 8.33 12.60 18.93
N ILE B 81 7.01 12.50 19.07
CA ILE B 81 6.06 13.33 18.34
C ILE B 81 5.22 14.03 19.40
N SER B 82 5.50 15.32 19.61
CA SER B 82 4.82 16.11 20.64
C SER B 82 3.32 16.23 20.48
N SER B 83 2.83 16.34 19.26
CA SER B 83 1.39 16.46 19.04
C SER B 83 0.96 15.70 17.80
N VAL B 84 0.85 14.38 17.93
CA VAL B 84 0.45 13.52 16.84
C VAL B 84 -0.76 14.06 16.08
N GLN B 85 -0.62 14.21 14.77
CA GLN B 85 -1.69 14.71 13.93
C GLN B 85 -2.23 13.55 13.12
N ALA B 86 -3.37 13.76 12.46
CA ALA B 86 -3.97 12.71 11.66
C ALA B 86 -3.08 12.30 10.49
N GLU B 87 -2.36 13.27 9.93
CA GLU B 87 -1.47 13.01 8.80
C GLU B 87 -0.20 12.25 9.20
N ASP B 88 0.03 12.11 10.50
CA ASP B 88 1.21 11.41 10.99
C ASP B 88 1.08 9.90 10.94
N LEU B 89 -0.07 9.43 10.50
CA LEU B 89 -0.33 7.99 10.37
C LEU B 89 0.71 7.37 9.45
N ALA B 90 1.47 6.40 9.97
CA ALA B 90 2.51 5.75 9.18
C ALA B 90 3.33 4.78 10.00
N VAL B 91 4.26 4.10 9.34
CA VAL B 91 5.16 3.16 10.01
C VAL B 91 6.51 3.87 10.11
N TYR B 92 7.03 4.02 11.32
CA TYR B 92 8.32 4.69 11.51
C TYR B 92 9.44 3.71 11.70
N TYR B 93 10.28 3.58 10.69
CA TYR B 93 11.40 2.65 10.74
C TYR B 93 12.67 3.39 11.17
N CYS B 94 13.48 2.71 11.98
CA CYS B 94 14.75 3.29 12.42
C CYS B 94 15.83 2.51 11.69
N LYS B 95 16.91 3.18 11.30
CA LYS B 95 17.98 2.53 10.56
C LYS B 95 19.36 2.97 11.04
N GLN B 96 20.30 2.04 11.06
CA GLN B 96 21.66 2.33 11.50
C GLN B 96 22.57 2.45 10.29
N SER B 97 23.51 3.39 10.35
CA SER B 97 24.47 3.60 9.28
C SER B 97 25.87 3.63 9.87
N TYR B 98 26.05 2.90 10.96
CA TYR B 98 27.33 2.83 11.64
C TYR B 98 28.24 1.87 10.90
N SER B 99 27.67 0.74 10.49
CA SER B 99 28.39 -0.30 9.76
C SER B 99 27.38 -0.81 8.74
N LEU B 100 27.58 -0.41 7.49
CA LEU B 100 26.66 -0.78 6.42
C LEU B 100 25.34 -0.16 6.87
N TYR B 101 24.22 -0.86 6.67
CA TYR B 101 22.94 -0.32 7.09
C TYR B 101 22.03 -1.44 7.58
N THR B 102 21.10 -1.09 8.45
CA THR B 102 20.14 -2.06 9.01
C THR B 102 18.88 -1.34 9.46
N PHE B 103 17.73 -1.78 8.95
CA PHE B 103 16.44 -1.19 9.31
C PHE B 103 15.83 -1.96 10.48
N GLY B 104 15.00 -1.27 11.25
CA GLY B 104 14.34 -1.90 12.36
C GLY B 104 13.02 -2.41 11.82
N GLY B 105 12.33 -3.25 12.60
CA GLY B 105 11.06 -3.79 12.17
C GLY B 105 10.00 -2.71 11.97
N GLY B 106 10.24 -1.53 12.53
CA GLY B 106 9.29 -0.44 12.40
C GLY B 106 8.13 -0.50 13.37
N THR B 107 7.59 0.67 13.72
CA THR B 107 6.45 0.75 14.63
C THR B 107 5.33 1.49 13.92
N LYS B 108 4.13 0.92 13.95
CA LYS B 108 2.98 1.52 13.30
C LYS B 108 2.25 2.49 14.22
N LEU B 109 2.05 3.71 13.73
CA LEU B 109 1.35 4.74 14.46
C LEU B 109 -0.08 4.81 13.93
N GLU B 110 -1.04 4.50 14.79
CA GLU B 110 -2.45 4.51 14.42
C GLU B 110 -3.14 5.66 15.13
N ILE B 111 -4.19 6.19 14.51
CA ILE B 111 -4.92 7.30 15.11
C ILE B 111 -6.23 6.85 15.74
N LYS B 112 -6.49 7.32 16.95
CA LYS B 112 -7.71 6.99 17.68
C LYS B 112 -8.67 8.14 17.48
N ARG B 113 -9.91 7.82 17.12
CA ARG B 113 -10.88 8.88 16.90
C ARG B 113 -12.26 8.53 17.43
N ALA B 114 -13.17 9.47 17.30
CA ALA B 114 -14.54 9.28 17.75
C ALA B 114 -15.19 8.22 16.87
N ASP B 115 -15.88 7.27 17.49
CA ASP B 115 -16.55 6.21 16.76
C ASP B 115 -17.38 6.79 15.61
N ALA B 116 -17.52 6.02 14.54
CA ALA B 116 -18.29 6.45 13.37
C ALA B 116 -18.96 5.28 12.66
N ALA B 117 -20.23 5.47 12.29
CA ALA B 117 -21.00 4.44 11.60
C ALA B 117 -20.63 4.38 10.13
N PRO B 118 -20.49 3.17 9.58
CA PRO B 118 -20.14 3.02 8.17
C PRO B 118 -21.31 3.24 7.24
N THR B 119 -21.02 3.76 6.05
CA THR B 119 -22.05 4.00 5.06
C THR B 119 -22.00 2.82 4.10
N VAL B 120 -22.99 1.94 4.19
CA VAL B 120 -23.05 0.74 3.36
C VAL B 120 -23.69 0.88 1.99
N SER B 121 -23.20 0.08 1.04
CA SER B 121 -23.70 0.08 -0.33
C SER B 121 -23.60 -1.34 -0.89
N ILE B 122 -24.65 -1.76 -1.59
CA ILE B 122 -24.67 -3.10 -2.18
C ILE B 122 -24.73 -2.97 -3.71
N PHE B 123 -23.86 -3.72 -4.39
CA PHE B 123 -23.82 -3.68 -5.84
C PHE B 123 -24.03 -5.03 -6.48
N PRO B 124 -25.07 -5.15 -7.31
CA PRO B 124 -25.37 -6.41 -7.99
C PRO B 124 -24.34 -6.64 -9.10
N PRO B 125 -24.15 -7.90 -9.54
CA PRO B 125 -23.17 -8.18 -10.60
C PRO B 125 -23.43 -7.33 -11.84
N SER B 126 -22.36 -7.00 -12.56
CA SER B 126 -22.50 -6.23 -13.78
C SER B 126 -22.91 -7.24 -14.83
N SER B 127 -23.60 -6.80 -15.88
CA SER B 127 -24.01 -7.73 -16.93
C SER B 127 -22.76 -8.33 -17.57
N GLU B 128 -21.71 -7.52 -17.63
CA GLU B 128 -20.44 -7.93 -18.22
C GLU B 128 -19.86 -9.16 -17.54
N GLN B 129 -19.83 -9.14 -16.21
CA GLN B 129 -19.29 -10.25 -15.44
C GLN B 129 -20.10 -11.53 -15.63
N LEU B 130 -21.41 -11.38 -15.72
CA LEU B 130 -22.27 -12.54 -15.91
C LEU B 130 -21.96 -13.14 -17.26
N THR B 131 -21.64 -12.27 -18.21
CA THR B 131 -21.30 -12.68 -19.57
C THR B 131 -19.91 -13.32 -19.60
N SER B 132 -19.68 -14.19 -18.62
CA SER B 132 -18.41 -14.90 -18.50
C SER B 132 -18.53 -15.95 -17.39
N GLY B 133 -19.73 -16.06 -16.82
CA GLY B 133 -19.97 -17.03 -15.77
C GLY B 133 -19.52 -16.58 -14.40
N GLY B 134 -19.73 -15.29 -14.10
CA GLY B 134 -19.33 -14.76 -12.81
C GLY B 134 -20.38 -13.90 -12.16
N ALA B 135 -20.58 -14.12 -10.87
CA ALA B 135 -21.56 -13.36 -10.11
C ALA B 135 -20.89 -12.83 -8.85
N SER B 136 -20.49 -11.56 -8.90
CA SER B 136 -19.82 -10.93 -7.76
C SER B 136 -20.66 -9.78 -7.23
N VAL B 137 -21.21 -9.97 -6.04
CA VAL B 137 -22.01 -8.93 -5.40
C VAL B 137 -21.11 -8.25 -4.37
N VAL B 138 -20.85 -6.96 -4.57
CA VAL B 138 -19.99 -6.22 -3.65
C VAL B 138 -20.74 -5.33 -2.68
N CYS B 139 -20.17 -5.17 -1.50
CA CYS B 139 -20.74 -4.36 -0.43
C CYS B 139 -19.69 -3.35 0.04
N PHE B 140 -20.07 -2.09 0.10
CA PHE B 140 -19.15 -1.05 0.53
C PHE B 140 -19.50 -0.44 1.89
N LEU B 141 -18.73 -0.82 2.90
CA LEU B 141 -18.91 -0.29 4.25
C LEU B 141 -17.82 0.78 4.39
N ASN B 142 -18.15 2.01 3.99
CA ASN B 142 -17.20 3.11 4.01
C ASN B 142 -17.12 4.01 5.25
N ASN B 143 -15.93 4.55 5.47
CA ASN B 143 -15.59 5.49 6.56
C ASN B 143 -16.19 5.27 7.95
N PHE B 144 -15.67 4.28 8.66
CA PHE B 144 -16.14 3.97 10.00
C PHE B 144 -14.97 3.80 10.97
N TYR B 145 -15.30 3.73 12.26
CA TYR B 145 -14.31 3.55 13.33
C TYR B 145 -15.02 3.05 14.59
N PRO B 146 -14.43 2.08 15.29
CA PRO B 146 -13.14 1.42 15.02
C PRO B 146 -13.18 0.54 13.79
N LYS B 147 -12.13 -0.25 13.61
CA LYS B 147 -12.04 -1.16 12.45
C LYS B 147 -12.95 -2.38 12.60
N ASP B 148 -13.01 -2.92 13.81
CA ASP B 148 -13.86 -4.10 14.07
C ASP B 148 -15.25 -3.87 13.50
N ILE B 149 -15.81 -4.93 12.93
CA ILE B 149 -17.15 -4.82 12.37
C ILE B 149 -17.60 -6.20 11.93
N ASN B 150 -18.90 -6.32 11.69
CA ASN B 150 -19.46 -7.58 11.26
C ASN B 150 -20.19 -7.41 9.93
N VAL B 151 -19.92 -8.30 9.00
CA VAL B 151 -20.55 -8.26 7.69
C VAL B 151 -20.90 -9.67 7.28
N LYS B 152 -22.20 -9.93 7.12
CA LYS B 152 -22.67 -11.24 6.72
C LYS B 152 -23.68 -11.05 5.59
N TRP B 153 -23.74 -12.03 4.70
CA TRP B 153 -24.66 -11.97 3.58
C TRP B 153 -25.84 -12.88 3.86
N LYS B 154 -27.00 -12.51 3.33
CA LYS B 154 -28.20 -13.32 3.54
C LYS B 154 -28.95 -13.55 2.24
N ILE B 155 -28.58 -14.61 1.54
CA ILE B 155 -29.23 -14.97 0.28
C ILE B 155 -30.58 -15.57 0.64
N ASP B 156 -31.64 -14.82 0.39
CA ASP B 156 -32.98 -15.29 0.68
C ASP B 156 -33.10 -15.64 2.16
N GLY B 157 -32.97 -14.63 3.02
CA GLY B 157 -33.08 -14.84 4.46
C GLY B 157 -32.08 -15.82 5.05
N SER B 158 -31.34 -16.50 4.18
CA SER B 158 -30.35 -17.47 4.62
C SER B 158 -28.96 -16.84 4.62
N GLU B 159 -28.14 -17.16 5.63
CA GLU B 159 -26.80 -16.60 5.69
C GLU B 159 -25.80 -17.37 4.84
N ARG B 160 -24.95 -16.62 4.14
CA ARG B 160 -23.93 -17.20 3.29
C ARG B 160 -22.55 -16.81 3.81
N GLN B 161 -21.71 -17.81 4.03
CA GLN B 161 -20.35 -17.57 4.52
C GLN B 161 -19.36 -18.17 3.53
N ASN B 162 -19.89 -18.79 2.48
CA ASN B 162 -19.08 -19.42 1.46
C ASN B 162 -18.99 -18.53 0.21
N GLY B 163 -17.78 -18.31 -0.28
CA GLY B 163 -17.60 -17.49 -1.47
C GLY B 163 -17.64 -16.00 -1.20
N VAL B 164 -17.19 -15.58 -0.02
CA VAL B 164 -17.18 -14.18 0.34
C VAL B 164 -15.80 -13.79 0.85
N LEU B 165 -15.31 -12.62 0.42
CA LEU B 165 -13.99 -12.13 0.84
C LEU B 165 -14.08 -10.66 1.23
N ASN B 166 -13.36 -10.30 2.29
CA ASN B 166 -13.37 -8.92 2.78
C ASN B 166 -12.00 -8.25 2.66
N SER B 167 -12.03 -6.93 2.53
CA SER B 167 -10.79 -6.14 2.39
C SER B 167 -10.92 -4.78 3.06
N TRP B 168 -10.07 -4.54 4.04
CA TRP B 168 -10.07 -3.28 4.77
C TRP B 168 -8.97 -2.35 4.22
N THR B 169 -9.28 -1.06 4.11
CA THR B 169 -8.28 -0.12 3.61
C THR B 169 -7.40 0.26 4.79
N ASP B 170 -6.41 1.09 4.52
CA ASP B 170 -5.52 1.57 5.55
C ASP B 170 -6.34 2.67 6.21
N GLN B 171 -5.95 3.08 7.40
CA GLN B 171 -6.67 4.14 8.09
C GLN B 171 -6.47 5.41 7.26
N ASP B 172 -7.47 6.28 7.23
CA ASP B 172 -7.39 7.52 6.45
C ASP B 172 -6.49 8.55 7.12
N SER B 173 -5.76 9.31 6.30
CA SER B 173 -4.83 10.32 6.78
C SER B 173 -5.50 11.65 7.08
N LYS B 174 -6.80 11.74 6.83
CA LYS B 174 -7.55 12.96 7.07
C LYS B 174 -8.60 12.75 8.17
N ASP B 175 -9.58 11.89 7.91
CA ASP B 175 -10.61 11.62 8.90
C ASP B 175 -10.26 10.46 9.83
N SER B 176 -9.17 9.76 9.51
CA SER B 176 -8.69 8.65 10.31
C SER B 176 -9.65 7.46 10.40
N THR B 177 -10.65 7.44 9.52
CA THR B 177 -11.63 6.35 9.50
C THR B 177 -11.14 5.14 8.71
N TYR B 178 -11.96 4.09 8.70
CA TYR B 178 -11.63 2.89 7.95
C TYR B 178 -12.71 2.66 6.91
N SER B 179 -12.45 1.74 5.99
CA SER B 179 -13.41 1.39 4.96
C SER B 179 -13.17 -0.07 4.68
N MET B 180 -14.20 -0.76 4.21
CA MET B 180 -14.07 -2.19 3.93
C MET B 180 -15.09 -2.65 2.92
N SER B 181 -14.64 -3.49 1.99
CA SER B 181 -15.54 -4.03 0.99
C SER B 181 -15.71 -5.52 1.25
N SER B 182 -16.93 -5.99 1.09
CA SER B 182 -17.25 -7.41 1.27
C SER B 182 -17.85 -7.87 -0.05
N THR B 183 -17.21 -8.83 -0.69
CA THR B 183 -17.72 -9.33 -1.97
C THR B 183 -18.16 -10.79 -1.89
N LEU B 184 -19.29 -11.07 -2.52
CA LEU B 184 -19.85 -12.42 -2.57
C LEU B 184 -19.76 -12.88 -4.02
N THR B 185 -18.93 -13.89 -4.27
CA THR B 185 -18.76 -14.40 -5.62
C THR B 185 -19.38 -15.77 -5.85
N LEU B 186 -20.36 -15.81 -6.73
CA LEU B 186 -21.06 -17.04 -7.08
C LEU B 186 -20.97 -17.18 -8.58
N THR B 187 -21.16 -18.40 -9.09
CA THR B 187 -21.12 -18.62 -10.53
C THR B 187 -22.37 -18.01 -11.15
N LYS B 188 -22.28 -17.58 -12.40
CA LYS B 188 -23.43 -16.99 -13.07
C LYS B 188 -24.66 -17.84 -12.84
N ASP B 189 -24.45 -19.13 -12.64
CA ASP B 189 -25.52 -20.10 -12.39
C ASP B 189 -26.00 -19.98 -10.94
N GLU B 190 -25.16 -20.43 -10.02
CA GLU B 190 -25.46 -20.40 -8.59
C GLU B 190 -26.08 -19.07 -8.16
N TYR B 191 -25.83 -18.03 -8.95
CA TYR B 191 -26.36 -16.70 -8.64
C TYR B 191 -27.81 -16.53 -9.05
N GLU B 192 -28.19 -17.14 -10.18
CA GLU B 192 -29.55 -17.02 -10.68
C GLU B 192 -30.57 -17.88 -9.92
N ARG B 193 -30.09 -18.94 -9.29
CA ARG B 193 -30.97 -19.83 -8.53
C ARG B 193 -31.61 -19.16 -7.31
N HIS B 194 -31.31 -17.88 -7.12
CA HIS B 194 -31.87 -17.12 -5.99
C HIS B 194 -32.28 -15.72 -6.41
N ASN B 195 -32.96 -15.01 -5.53
CA ASN B 195 -33.42 -13.65 -5.83
C ASN B 195 -33.09 -12.61 -4.75
N SER B 196 -33.05 -13.02 -3.49
CA SER B 196 -32.74 -12.09 -2.40
C SER B 196 -31.25 -12.10 -2.04
N TYR B 197 -30.65 -10.92 -2.11
CA TYR B 197 -29.23 -10.76 -1.78
C TYR B 197 -29.08 -9.59 -0.82
N THR B 198 -28.70 -9.91 0.41
CA THR B 198 -28.54 -8.87 1.43
C THR B 198 -27.16 -8.87 2.06
N CYS B 199 -26.75 -7.69 2.52
CA CYS B 199 -25.48 -7.49 3.16
C CYS B 199 -25.77 -6.91 4.54
N GLU B 200 -25.43 -7.68 5.58
CA GLU B 200 -25.67 -7.24 6.96
C GLU B 200 -24.42 -6.72 7.64
N ALA B 201 -24.44 -5.43 7.99
CA ALA B 201 -23.30 -4.81 8.65
C ALA B 201 -23.67 -4.42 10.07
N THR B 202 -22.97 -4.99 11.05
CA THR B 202 -23.23 -4.68 12.45
C THR B 202 -21.97 -4.08 13.08
N HIS B 203 -21.92 -2.77 13.12
CA HIS B 203 -20.79 -2.06 13.70
C HIS B 203 -21.09 -1.71 15.15
N LYS B 204 -20.04 -1.54 15.95
CA LYS B 204 -20.21 -1.20 17.35
C LYS B 204 -20.98 0.13 17.43
N THR B 205 -20.91 0.90 16.36
CA THR B 205 -21.58 2.18 16.27
C THR B 205 -23.05 2.14 16.70
N SER B 206 -23.75 1.08 16.30
CA SER B 206 -25.16 0.93 16.66
C SER B 206 -25.51 -0.52 16.97
N THR B 207 -26.67 -0.71 17.59
CA THR B 207 -27.13 -2.05 17.93
C THR B 207 -27.96 -2.63 16.79
N SER B 208 -28.62 -1.75 16.05
CA SER B 208 -29.45 -2.14 14.91
C SER B 208 -28.58 -2.23 13.66
N PRO B 209 -28.42 -3.45 13.10
CA PRO B 209 -27.62 -3.66 11.90
C PRO B 209 -28.04 -2.81 10.70
N ILE B 210 -27.08 -2.54 9.82
CA ILE B 210 -27.33 -1.77 8.61
C ILE B 210 -27.52 -2.78 7.49
N VAL B 211 -28.76 -2.92 7.03
CA VAL B 211 -29.08 -3.87 5.97
C VAL B 211 -29.37 -3.21 4.62
N LYS B 212 -28.51 -3.53 3.65
CA LYS B 212 -28.65 -3.03 2.30
C LYS B 212 -28.76 -4.24 1.39
N SER B 213 -29.91 -4.41 0.75
CA SER B 213 -30.12 -5.55 -0.13
C SER B 213 -30.79 -5.15 -1.43
N PHE B 214 -31.06 -6.16 -2.26
CA PHE B 214 -31.71 -5.97 -3.55
C PHE B 214 -32.21 -7.32 -4.04
N ASN B 215 -33.25 -7.29 -4.86
CA ASN B 215 -33.80 -8.52 -5.40
C ASN B 215 -33.31 -8.63 -6.84
N ARG B 216 -32.98 -9.86 -7.26
CA ARG B 216 -32.48 -10.09 -8.60
C ARG B 216 -33.09 -9.20 -9.68
N ASN B 217 -32.29 -8.25 -10.14
CA ASN B 217 -32.66 -7.29 -11.19
C ASN B 217 -34.09 -6.77 -11.14
N GLU B 218 -34.71 -6.77 -9.96
CA GLU B 218 -36.07 -6.27 -9.82
C GLU B 218 -36.20 -4.98 -10.62
N CYS B 219 -35.33 -4.02 -10.31
CA CYS B 219 -35.31 -2.73 -10.99
C CYS B 219 -36.68 -2.19 -11.38
N GLU B 220 -37.18 -2.54 -12.48
#